data_3OU2
#
_entry.id   3OU2
#
_cell.length_a   75.519
_cell.length_b   75.519
_cell.length_c   70.657
_cell.angle_alpha   90.00
_cell.angle_beta   90.00
_cell.angle_gamma   120.00
#
_symmetry.space_group_name_H-M   'P 61'
#
loop_
_entity.id
_entity.type
_entity.pdbx_description
1 polymer 'SAM-dependent methyltransferase'
2 non-polymer S-ADENOSYL-L-HOMOCYSTEINE
3 water water
#
_entity_poly.entity_id   1
_entity_poly.type   'polypeptide(L)'
_entity_poly.pdbx_seq_one_letter_code
;MTTSHGLIESQLSYYRARASEYDATFVPYMDSAAPAALERLRAGNIRGDVLELASGTGYWTRHLSGLADRVTALDGSAEM
IAEAGRHGLDNVEFRQQDLFDWTPDRQWDAVFFAHWLAHVPDDRFEAFWESVRSAVAPGGVVEFVDVTDHERRLEQQDDS
EPEVAVRRTLQDGRSFRIVKVFRSPAELTERLTALGWSCSVDEVHPGFLYATCRPGPR
;
_entity_poly.pdbx_strand_id   A
#
# COMPACT_ATOMS: atom_id res chain seq x y z
N THR A 3 3.41 15.02 12.35
CA THR A 3 3.01 15.27 10.94
C THR A 3 1.69 16.04 10.86
N SER A 4 1.69 17.07 10.03
CA SER A 4 0.54 17.95 9.87
C SER A 4 -0.46 17.38 8.86
N HIS A 5 -1.69 17.85 8.92
CA HIS A 5 -2.67 17.56 7.89
C HIS A 5 -2.22 18.16 6.55
N GLY A 6 -1.51 19.29 6.62
CA GLY A 6 -0.91 19.92 5.45
C GLY A 6 0.00 18.98 4.67
N LEU A 7 0.83 18.24 5.40
CA LEU A 7 1.72 17.25 4.76
C LEU A 7 0.93 16.12 4.12
N ILE A 8 -0.02 15.55 4.87
CA ILE A 8 -0.87 14.49 4.36
C ILE A 8 -1.62 14.91 3.11
N GLU A 9 -2.18 16.12 3.14
CA GLU A 9 -2.93 16.63 2.00
C GLU A 9 -2.01 16.90 0.80
N SER A 10 -0.82 17.44 1.09
CA SER A 10 0.16 17.72 0.03
C SER A 10 0.53 16.43 -0.71
N GLN A 11 0.88 15.41 0.06
CA GLN A 11 1.23 14.10 -0.48
C GLN A 11 0.11 13.52 -1.34
N LEU A 12 -1.13 13.60 -0.85
CA LEU A 12 -2.27 13.09 -1.62
C LEU A 12 -2.47 13.90 -2.89
N SER A 13 -2.34 15.21 -2.77
CA SER A 13 -2.47 16.12 -3.92
C SER A 13 -1.47 15.83 -5.02
N TYR A 14 -0.25 15.45 -4.63
CA TYR A 14 0.78 15.05 -5.59
C TYR A 14 0.27 13.92 -6.46
N TYR A 15 -0.30 12.89 -5.83
CA TYR A 15 -0.79 11.74 -6.57
C TYR A 15 -2.05 12.02 -7.40
N ARG A 16 -2.90 12.92 -6.90
CA ARG A 16 -4.03 13.42 -7.69
C ARG A 16 -3.52 14.04 -8.99
N ALA A 17 -2.45 14.83 -8.89
CA ALA A 17 -1.86 15.51 -10.06
C ALA A 17 -1.17 14.55 -11.03
N ARG A 18 -0.59 13.48 -10.48
CA ARG A 18 0.22 12.51 -11.24
C ARG A 18 -0.55 11.31 -11.81
N ALA A 19 -1.80 11.15 -11.40
CA ALA A 19 -2.57 9.94 -11.73
C ALA A 19 -2.54 9.55 -13.21
N SER A 20 -2.76 10.50 -14.11
CA SER A 20 -2.85 10.19 -15.54
C SER A 20 -1.53 9.74 -16.17
N GLU A 21 -0.41 10.15 -15.57
CA GLU A 21 0.92 9.79 -16.08
C GLU A 21 1.64 8.77 -15.19
N TYR A 22 0.95 8.30 -14.15
CA TYR A 22 1.58 7.43 -13.15
C TYR A 22 2.17 6.16 -13.75
N ASP A 23 1.38 5.47 -14.56
CA ASP A 23 1.79 4.19 -15.13
C ASP A 23 3.01 4.28 -16.04
N ALA A 24 3.10 5.36 -16.80
CA ALA A 24 4.22 5.57 -17.72
C ALA A 24 5.56 5.50 -16.97
N THR A 25 5.54 6.03 -15.74
CA THR A 25 6.70 6.01 -14.84
C THR A 25 6.80 4.68 -14.09
N PHE A 26 5.67 4.27 -13.50
CA PHE A 26 5.70 3.15 -12.57
C PHE A 26 6.00 1.80 -13.23
N VAL A 27 5.42 1.55 -14.39
CA VAL A 27 5.59 0.25 -15.04
C VAL A 27 7.09 -0.10 -15.30
N PRO A 28 7.84 0.80 -15.99
CA PRO A 28 9.25 0.45 -16.16
C PRO A 28 10.06 0.49 -14.85
N TYR A 29 9.64 1.31 -13.89
CA TYR A 29 10.29 1.33 -12.58
C TYR A 29 10.19 -0.03 -11.88
N MET A 30 9.00 -0.64 -11.96
CA MET A 30 8.68 -1.87 -11.25
C MET A 30 9.04 -3.14 -12.02
N ASP A 31 9.34 -3.00 -13.31
CA ASP A 31 9.50 -4.15 -14.21
C ASP A 31 10.48 -5.23 -13.73
N SER A 32 11.68 -4.83 -13.30
CA SER A 32 12.70 -5.78 -12.85
C SER A 32 12.32 -6.55 -11.60
N ALA A 33 11.66 -5.88 -10.64
CA ALA A 33 11.29 -6.50 -9.37
C ALA A 33 9.95 -7.22 -9.43
N ALA A 34 9.17 -6.97 -10.48
CA ALA A 34 7.80 -7.49 -10.58
C ALA A 34 7.71 -9.02 -10.51
N PRO A 35 8.58 -9.76 -11.23
CA PRO A 35 8.45 -11.22 -11.14
C PRO A 35 8.63 -11.78 -9.72
N ALA A 36 9.62 -11.29 -8.99
CA ALA A 36 9.86 -11.72 -7.61
C ALA A 36 8.68 -11.36 -6.70
N ALA A 37 8.14 -10.15 -6.89
CA ALA A 37 6.99 -9.70 -6.12
C ALA A 37 5.75 -10.52 -6.43
N LEU A 38 5.50 -10.78 -7.71
CA LEU A 38 4.32 -11.55 -8.12
C LEU A 38 4.36 -13.02 -7.67
N GLU A 39 5.57 -13.55 -7.52
CA GLU A 39 5.76 -14.91 -7.00
C GLU A 39 5.23 -15.01 -5.58
N ARG A 40 5.57 -14.02 -4.75
CA ARG A 40 5.06 -13.97 -3.38
C ARG A 40 3.56 -13.65 -3.38
N LEU A 41 3.13 -12.78 -4.27
CA LEU A 41 1.71 -12.40 -4.32
C LEU A 41 0.82 -13.62 -4.60
N ARG A 42 1.31 -14.51 -5.47
CA ARG A 42 0.56 -15.70 -5.88
C ARG A 42 0.83 -16.93 -4.99
N ALA A 43 1.58 -16.74 -3.91
CA ALA A 43 2.04 -17.86 -3.06
C ALA A 43 0.95 -18.55 -2.22
N GLY A 44 -0.22 -17.94 -2.12
CA GLY A 44 -1.38 -18.60 -1.51
C GLY A 44 -2.09 -17.87 -0.38
N ASN A 45 -1.60 -16.69 -0.01
CA ASN A 45 -2.24 -15.90 1.05
C ASN A 45 -3.28 -14.92 0.55
N ILE A 46 -3.18 -14.52 -0.72
CA ILE A 46 -4.17 -13.65 -1.32
C ILE A 46 -5.35 -14.50 -1.80
N ARG A 47 -6.28 -14.74 -0.90
CA ARG A 47 -7.42 -15.63 -1.16
C ARG A 47 -8.62 -15.09 -0.40
N GLY A 48 -9.83 -15.37 -0.90
CA GLY A 48 -11.05 -14.96 -0.24
C GLY A 48 -11.41 -13.52 -0.51
N ASP A 49 -11.87 -12.81 0.52
CA ASP A 49 -12.22 -11.40 0.39
C ASP A 49 -10.98 -10.58 0.71
N VAL A 50 -10.56 -9.78 -0.25
CA VAL A 50 -9.27 -9.08 -0.17
C VAL A 50 -9.47 -7.58 -0.14
N LEU A 51 -8.74 -6.92 0.75
CA LEU A 51 -8.71 -5.48 0.83
C LEU A 51 -7.38 -4.99 0.30
N GLU A 52 -7.41 -4.02 -0.61
CA GLU A 52 -6.19 -3.34 -1.04
C GLU A 52 -6.21 -1.89 -0.59
N LEU A 53 -5.09 -1.44 -0.03
CA LEU A 53 -4.93 -0.06 0.40
C LEU A 53 -4.00 0.68 -0.55
N ALA A 54 -4.37 1.94 -0.83
CA ALA A 54 -3.65 2.81 -1.78
C ALA A 54 -3.52 2.17 -3.17
N SER A 55 -4.67 1.79 -3.72
CA SER A 55 -4.72 0.99 -4.96
C SER A 55 -4.22 1.72 -6.21
N GLY A 56 -4.13 3.05 -6.14
CA GLY A 56 -3.54 3.83 -7.24
C GLY A 56 -4.23 3.60 -8.57
N THR A 57 -3.44 3.26 -9.59
CA THR A 57 -3.95 3.02 -10.94
C THR A 57 -4.41 1.58 -11.15
N GLY A 58 -4.36 0.79 -10.09
CA GLY A 58 -4.77 -0.60 -10.18
C GLY A 58 -3.71 -1.55 -10.71
N TYR A 59 -2.44 -1.14 -10.66
CA TYR A 59 -1.34 -2.00 -11.10
C TYR A 59 -1.38 -3.34 -10.36
N TRP A 60 -1.55 -3.28 -9.05
CA TRP A 60 -1.65 -4.48 -8.24
C TRP A 60 -3.09 -4.99 -8.18
N THR A 61 -4.05 -4.08 -8.26
CA THR A 61 -5.47 -4.46 -8.21
C THR A 61 -5.83 -5.47 -9.28
N ARG A 62 -5.27 -5.27 -10.47
CA ARG A 62 -5.46 -6.20 -11.59
C ARG A 62 -5.07 -7.62 -11.19
N HIS A 63 -3.92 -7.76 -10.52
CA HIS A 63 -3.45 -9.05 -10.03
C HIS A 63 -4.32 -9.59 -8.88
N LEU A 64 -4.66 -8.72 -7.93
CA LEU A 64 -5.48 -9.14 -6.80
C LEU A 64 -6.84 -9.65 -7.26
N SER A 65 -7.41 -8.97 -8.26
CA SER A 65 -8.72 -9.32 -8.81
C SER A 65 -8.73 -10.75 -9.33
N GLY A 66 -7.61 -11.17 -9.94
CA GLY A 66 -7.46 -12.52 -10.47
C GLY A 66 -7.25 -13.58 -9.42
N LEU A 67 -6.85 -13.17 -8.22
CA LEU A 67 -6.53 -14.09 -7.14
C LEU A 67 -7.66 -14.22 -6.11
N ALA A 68 -8.40 -13.13 -5.93
CA ALA A 68 -9.40 -13.02 -4.87
C ALA A 68 -10.79 -13.34 -5.38
N ASP A 69 -11.68 -13.70 -4.45
CA ASP A 69 -13.10 -13.81 -4.76
C ASP A 69 -13.66 -12.42 -5.03
N ARG A 70 -13.33 -11.48 -4.15
CA ARG A 70 -13.76 -10.09 -4.25
C ARG A 70 -12.64 -9.21 -3.69
N VAL A 71 -12.51 -8.03 -4.28
CA VAL A 71 -11.55 -7.03 -3.82
C VAL A 71 -12.28 -5.74 -3.47
N THR A 72 -11.95 -5.18 -2.30
CA THR A 72 -12.29 -3.81 -1.96
C THR A 72 -10.98 -3.03 -2.08
N ALA A 73 -10.96 -1.99 -2.90
CA ALA A 73 -9.74 -1.23 -3.16
C ALA A 73 -9.93 0.22 -2.78
N LEU A 74 -9.11 0.69 -1.84
CA LEU A 74 -9.22 2.05 -1.30
C LEU A 74 -8.10 2.93 -1.78
N ASP A 75 -8.43 4.14 -2.20
CA ASP A 75 -7.42 5.15 -2.52
C ASP A 75 -7.96 6.52 -2.20
N GLY A 76 -7.07 7.44 -1.82
CA GLY A 76 -7.48 8.79 -1.47
C GLY A 76 -7.82 9.65 -2.68
N SER A 77 -7.40 9.21 -3.86
CA SER A 77 -7.57 9.99 -5.09
C SER A 77 -8.64 9.41 -6.01
N ALA A 78 -9.64 10.23 -6.30
CA ALA A 78 -10.67 9.90 -7.29
C ALA A 78 -10.05 9.74 -8.68
N GLU A 79 -9.04 10.56 -8.96
CA GLU A 79 -8.29 10.50 -10.22
C GLU A 79 -7.64 9.12 -10.40
N MET A 80 -7.05 8.60 -9.32
CA MET A 80 -6.45 7.28 -9.33
C MET A 80 -7.52 6.20 -9.57
N ILE A 81 -8.63 6.31 -8.86
CA ILE A 81 -9.72 5.36 -9.01
C ILE A 81 -10.24 5.35 -10.45
N ALA A 82 -10.36 6.53 -11.05
CA ALA A 82 -10.73 6.66 -12.47
C ALA A 82 -9.75 5.93 -13.38
N GLU A 83 -8.46 6.07 -13.12
CA GLU A 83 -7.44 5.35 -13.88
C GLU A 83 -7.59 3.84 -13.69
N ALA A 84 -7.85 3.42 -12.46
CA ALA A 84 -7.98 2.00 -12.14
C ALA A 84 -9.18 1.33 -12.82
N GLY A 85 -10.20 2.13 -13.14
CA GLY A 85 -11.38 1.65 -13.87
C GLY A 85 -11.09 1.15 -15.28
N ARG A 86 -9.97 1.58 -15.85
CA ARG A 86 -9.55 1.17 -17.19
C ARG A 86 -9.38 -0.36 -17.33
N HIS A 87 -9.07 -1.02 -16.21
CA HIS A 87 -8.84 -2.46 -16.20
C HIS A 87 -10.12 -3.30 -16.32
N GLY A 88 -11.27 -2.65 -16.08
CA GLY A 88 -12.57 -3.30 -16.17
C GLY A 88 -12.71 -4.53 -15.29
N LEU A 89 -12.21 -4.43 -14.06
CA LEU A 89 -12.24 -5.55 -13.12
C LEU A 89 -13.62 -5.71 -12.50
N ASP A 90 -14.26 -6.85 -12.76
CA ASP A 90 -15.66 -7.04 -12.39
C ASP A 90 -15.90 -7.40 -10.93
N ASN A 91 -14.86 -7.85 -10.24
CA ASN A 91 -14.99 -8.23 -8.82
C ASN A 91 -14.31 -7.25 -7.87
N VAL A 92 -14.18 -6.00 -8.30
CA VAL A 92 -13.51 -4.97 -7.50
C VAL A 92 -14.44 -3.79 -7.23
N GLU A 93 -14.58 -3.44 -5.95
CA GLU A 93 -15.25 -2.21 -5.55
C GLU A 93 -14.19 -1.21 -5.11
N PHE A 94 -14.12 -0.09 -5.81
CA PHE A 94 -13.24 1.01 -5.45
C PHE A 94 -13.98 1.99 -4.55
N ARG A 95 -13.32 2.45 -3.50
CA ARG A 95 -13.86 3.47 -2.62
C ARG A 95 -12.81 4.54 -2.35
N GLN A 96 -13.23 5.80 -2.41
CA GLN A 96 -12.35 6.90 -2.04
C GLN A 96 -12.27 7.02 -0.53
N GLN A 97 -11.05 6.96 -0.01
CA GLN A 97 -10.79 6.98 1.41
C GLN A 97 -9.42 7.55 1.73
N ASP A 98 -9.39 8.56 2.60
CA ASP A 98 -8.14 9.02 3.19
C ASP A 98 -7.75 7.98 4.24
N LEU A 99 -6.62 7.31 3.99
CA LEU A 99 -6.18 6.22 4.86
C LEU A 99 -5.77 6.69 6.25
N PHE A 100 -5.52 7.99 6.41
CA PHE A 100 -5.19 8.53 7.72
C PHE A 100 -6.43 8.83 8.57
N ASP A 101 -7.62 8.80 7.95
CA ASP A 101 -8.92 8.94 8.66
C ASP A 101 -9.65 7.62 8.82
N TRP A 102 -9.06 6.55 8.29
CA TRP A 102 -9.78 5.30 8.05
C TRP A 102 -9.89 4.38 9.26
N THR A 103 -11.13 3.98 9.57
CA THR A 103 -11.39 2.88 10.49
C THR A 103 -12.38 1.94 9.80
N PRO A 104 -11.98 0.67 9.61
CA PRO A 104 -12.83 -0.26 8.86
C PRO A 104 -14.10 -0.63 9.62
N ASP A 105 -15.17 -0.90 8.87
CA ASP A 105 -16.43 -1.33 9.46
C ASP A 105 -16.79 -2.76 9.04
N ARG A 106 -15.82 -3.44 8.43
CA ARG A 106 -15.91 -4.87 8.18
C ARG A 106 -14.50 -5.47 8.19
N GLN A 107 -14.42 -6.77 7.91
CA GLN A 107 -13.14 -7.47 7.91
C GLN A 107 -12.91 -8.24 6.61
N TRP A 108 -11.63 -8.50 6.31
CA TRP A 108 -11.22 -9.19 5.10
C TRP A 108 -10.23 -10.30 5.42
N ASP A 109 -10.11 -11.27 4.52
CA ASP A 109 -9.21 -12.40 4.72
C ASP A 109 -7.74 -12.04 4.48
N ALA A 110 -7.53 -11.07 3.59
CA ALA A 110 -6.18 -10.61 3.28
C ALA A 110 -6.23 -9.13 3.04
N VAL A 111 -5.18 -8.44 3.48
CA VAL A 111 -5.00 -7.03 3.17
C VAL A 111 -3.66 -6.92 2.45
N PHE A 112 -3.66 -6.21 1.33
CA PHE A 112 -2.44 -5.96 0.57
C PHE A 112 -2.24 -4.49 0.32
N PHE A 113 -0.99 -4.04 0.36
CA PHE A 113 -0.62 -2.72 -0.17
C PHE A 113 0.78 -2.70 -0.73
N ALA A 114 0.95 -1.94 -1.79
CA ALA A 114 2.26 -1.76 -2.39
C ALA A 114 2.66 -0.30 -2.36
N HIS A 115 3.88 -0.04 -1.91
CA HIS A 115 4.46 1.32 -1.85
C HIS A 115 3.64 2.29 -1.02
N TRP A 116 2.86 1.76 -0.09
CA TRP A 116 2.08 2.62 0.78
C TRP A 116 2.79 2.96 2.10
N LEU A 117 3.37 1.96 2.74
CA LEU A 117 3.93 2.14 4.07
C LEU A 117 5.02 3.20 4.12
N ALA A 118 5.81 3.34 3.05
CA ALA A 118 6.84 4.38 3.00
C ALA A 118 6.28 5.80 2.93
N HIS A 119 4.97 5.93 2.69
CA HIS A 119 4.29 7.22 2.77
C HIS A 119 3.67 7.47 4.15
N VAL A 120 3.87 6.53 5.08
CA VAL A 120 3.34 6.67 6.44
C VAL A 120 4.46 7.08 7.38
N PRO A 121 4.40 8.31 7.92
CA PRO A 121 5.45 8.75 8.84
C PRO A 121 5.43 7.95 10.14
N ASP A 122 6.56 7.94 10.84
CA ASP A 122 6.69 7.21 12.10
C ASP A 122 5.59 7.53 13.11
N ASP A 123 5.20 8.80 13.21
CA ASP A 123 4.20 9.19 14.20
C ASP A 123 2.76 8.76 13.85
N ARG A 124 2.56 8.25 12.63
CA ARG A 124 1.25 7.77 12.19
C ARG A 124 1.23 6.26 11.99
N PHE A 125 2.39 5.65 12.15
CA PHE A 125 2.62 4.22 11.90
C PHE A 125 1.74 3.32 12.79
N GLU A 126 1.72 3.57 14.09
CA GLU A 126 0.96 2.76 15.01
C GLU A 126 -0.55 2.81 14.74
N ALA A 127 -1.09 4.01 14.54
CA ALA A 127 -2.52 4.19 14.29
C ALA A 127 -2.92 3.51 13.00
N PHE A 128 -2.08 3.62 11.97
CA PHE A 128 -2.34 2.93 10.71
C PHE A 128 -2.45 1.43 10.92
N TRP A 129 -1.48 0.87 11.63
CA TRP A 129 -1.51 -0.58 11.91
C TRP A 129 -2.64 -1.01 12.84
N GLU A 130 -3.15 -0.10 13.67
CA GLU A 130 -4.36 -0.39 14.45
C GLU A 130 -5.58 -0.53 13.56
N SER A 131 -5.70 0.34 12.56
CA SER A 131 -6.78 0.21 11.59
C SER A 131 -6.66 -1.04 10.73
N VAL A 132 -5.44 -1.33 10.28
CA VAL A 132 -5.19 -2.57 9.54
C VAL A 132 -5.57 -3.79 10.38
N ARG A 133 -5.15 -3.80 11.65
CA ARG A 133 -5.51 -4.88 12.57
C ARG A 133 -7.01 -5.11 12.62
N SER A 134 -7.78 -4.03 12.71
CA SER A 134 -9.23 -4.14 12.79
C SER A 134 -9.84 -4.71 11.51
N ALA A 135 -9.16 -4.51 10.39
CA ALA A 135 -9.65 -4.95 9.09
C ALA A 135 -9.40 -6.43 8.82
N VAL A 136 -8.56 -7.07 9.63
CA VAL A 136 -8.16 -8.46 9.41
C VAL A 136 -9.11 -9.42 10.10
N ALA A 137 -9.78 -10.24 9.29
CA ALA A 137 -10.66 -11.30 9.77
C ALA A 137 -9.86 -12.35 10.52
N PRO A 138 -10.53 -13.16 11.36
CA PRO A 138 -9.82 -14.26 12.03
C PRO A 138 -9.10 -15.15 11.01
N GLY A 139 -7.85 -15.45 11.27
CA GLY A 139 -7.04 -16.24 10.35
C GLY A 139 -6.52 -15.47 9.17
N GLY A 140 -6.77 -14.15 9.16
CA GLY A 140 -6.36 -13.30 8.05
C GLY A 140 -4.89 -12.94 8.06
N VAL A 141 -4.46 -12.28 6.99
CA VAL A 141 -3.06 -12.01 6.76
C VAL A 141 -2.89 -10.67 6.07
N VAL A 142 -1.78 -10.01 6.35
CA VAL A 142 -1.44 -8.76 5.68
C VAL A 142 -0.14 -8.96 4.89
N GLU A 143 -0.17 -8.62 3.60
CA GLU A 143 1.05 -8.64 2.79
C GLU A 143 1.29 -7.29 2.18
N PHE A 144 2.57 -6.95 2.04
CA PHE A 144 2.90 -5.68 1.41
C PHE A 144 4.23 -5.70 0.68
N VAL A 145 4.34 -4.79 -0.29
CA VAL A 145 5.56 -4.57 -1.06
C VAL A 145 6.02 -3.14 -0.76
N ASP A 146 7.32 -2.96 -0.58
CA ASP A 146 7.87 -1.63 -0.48
C ASP A 146 9.35 -1.67 -0.82
N VAL A 147 10.00 -0.54 -0.65
CA VAL A 147 11.43 -0.44 -0.93
C VAL A 147 12.22 -0.35 0.36
N THR A 148 13.41 -0.93 0.37
CA THR A 148 14.24 -0.97 1.56
C THR A 148 15.16 0.24 1.61
N ASP A 149 15.65 0.56 2.81
CA ASP A 149 16.79 1.44 2.95
C ASP A 149 17.94 0.61 3.51
N HIS A 150 19.14 0.83 2.98
CA HIS A 150 20.29 0.02 3.32
C HIS A 150 21.17 0.70 4.35
N GLU A 163 14.96 14.12 7.13
CA GLU A 163 13.65 14.68 6.70
C GLU A 163 12.62 13.57 6.46
N VAL A 164 11.43 13.74 7.01
CA VAL A 164 10.33 12.80 6.83
C VAL A 164 9.85 12.78 5.37
N ALA A 165 9.95 13.94 4.70
CA ALA A 165 9.41 14.11 3.37
C ALA A 165 10.44 14.67 2.38
N VAL A 166 10.22 14.36 1.11
CA VAL A 166 10.96 14.99 0.03
C VAL A 166 10.09 16.08 -0.61
N ARG A 167 10.76 17.10 -1.14
CA ARG A 167 10.07 18.15 -1.87
C ARG A 167 10.16 17.85 -3.36
N ARG A 168 9.01 17.86 -4.02
CA ARG A 168 8.96 17.65 -5.46
C ARG A 168 8.19 18.80 -6.06
N THR A 169 8.85 19.51 -6.97
CA THR A 169 8.28 20.69 -7.58
C THR A 169 8.12 20.42 -9.06
N LEU A 170 6.89 20.54 -9.54
CA LEU A 170 6.59 20.44 -10.96
C LEU A 170 7.08 21.69 -11.67
N GLN A 171 7.30 21.58 -12.97
CA GLN A 171 7.90 22.70 -13.70
C GLN A 171 6.95 23.91 -13.83
N ASP A 172 5.66 23.69 -13.68
CA ASP A 172 4.67 24.79 -13.63
C ASP A 172 4.73 25.57 -12.32
N GLY A 173 5.38 24.99 -11.31
CA GLY A 173 5.55 25.64 -10.02
C GLY A 173 4.90 24.95 -8.84
N ARG A 174 3.92 24.08 -9.09
CA ARG A 174 3.27 23.36 -7.98
C ARG A 174 4.32 22.59 -7.20
N SER A 175 4.31 22.75 -5.88
CA SER A 175 5.29 22.11 -5.03
C SER A 175 4.60 21.24 -4.02
N PHE A 176 5.14 20.06 -3.82
CA PHE A 176 4.53 19.06 -2.94
C PHE A 176 5.53 18.52 -1.96
N ARG A 177 5.04 18.04 -0.83
CA ARG A 177 5.87 17.31 0.11
C ARG A 177 5.32 15.90 0.14
N ILE A 178 6.20 14.93 -0.03
CA ILE A 178 5.80 13.52 -0.08
C ILE A 178 6.63 12.75 0.94
N VAL A 179 5.94 12.02 1.82
CA VAL A 179 6.60 11.22 2.83
C VAL A 179 7.41 10.14 2.14
N LYS A 180 8.64 9.94 2.62
CA LYS A 180 9.51 8.91 2.09
C LYS A 180 10.29 8.30 3.24
N VAL A 181 9.72 7.27 3.84
CA VAL A 181 10.36 6.56 4.95
C VAL A 181 10.53 5.10 4.53
N PHE A 182 11.60 4.84 3.80
CA PHE A 182 11.95 3.47 3.46
C PHE A 182 12.50 2.81 4.72
N ARG A 183 11.95 1.66 5.05
CA ARG A 183 12.32 0.94 6.27
C ARG A 183 12.91 -0.41 5.89
N SER A 184 14.00 -0.78 6.56
CA SER A 184 14.66 -2.06 6.31
C SER A 184 13.82 -3.26 6.78
N PRO A 185 14.14 -4.48 6.27
CA PRO A 185 13.49 -5.67 6.81
C PRO A 185 13.60 -5.75 8.34
N ALA A 186 14.77 -5.44 8.88
CA ALA A 186 14.98 -5.45 10.33
C ALA A 186 14.12 -4.43 11.07
N GLU A 187 14.08 -3.20 10.57
CA GLU A 187 13.24 -2.17 11.18
C GLU A 187 11.76 -2.55 11.15
N LEU A 188 11.29 -3.00 9.99
CA LEU A 188 9.88 -3.39 9.85
C LEU A 188 9.53 -4.55 10.77
N THR A 189 10.40 -5.57 10.82
CA THR A 189 10.17 -6.74 11.67
C THR A 189 10.13 -6.32 13.13
N GLU A 190 11.08 -5.49 13.55
CA GLU A 190 11.14 -5.03 14.94
C GLU A 190 9.93 -4.20 15.33
N ARG A 191 9.54 -3.26 14.46
CA ARG A 191 8.41 -2.36 14.73
C ARG A 191 7.09 -3.12 14.77
N LEU A 192 6.90 -4.03 13.81
CA LEU A 192 5.66 -4.78 13.75
C LEU A 192 5.56 -5.81 14.88
N THR A 193 6.70 -6.38 15.28
CA THR A 193 6.76 -7.25 16.47
C THR A 193 6.28 -6.48 17.68
N ALA A 194 6.77 -5.25 17.84
CA ALA A 194 6.40 -4.37 18.94
C ALA A 194 4.91 -4.01 18.93
N LEU A 195 4.30 -4.02 17.75
CA LEU A 195 2.87 -3.75 17.62
C LEU A 195 2.02 -5.03 17.68
N GLY A 196 2.66 -6.15 18.00
CA GLY A 196 1.95 -7.40 18.24
C GLY A 196 1.65 -8.23 17.00
N TRP A 197 2.51 -8.12 15.99
CA TRP A 197 2.43 -8.93 14.77
C TRP A 197 3.60 -9.89 14.68
N SER A 198 3.39 -11.01 13.98
CA SER A 198 4.46 -11.91 13.53
C SER A 198 4.72 -11.58 12.07
N CYS A 199 5.97 -11.39 11.69
CA CYS A 199 6.32 -10.94 10.34
C CYS A 199 7.48 -11.67 9.70
N SER A 200 7.37 -11.89 8.41
CA SER A 200 8.50 -12.30 7.60
C SER A 200 8.65 -11.28 6.48
N VAL A 201 9.75 -10.54 6.52
CA VAL A 201 10.02 -9.47 5.56
C VAL A 201 11.28 -9.81 4.80
N ASP A 202 11.16 -9.95 3.49
CA ASP A 202 12.24 -10.47 2.66
C ASP A 202 12.54 -9.57 1.48
N GLU A 203 13.84 -9.38 1.21
CA GLU A 203 14.28 -8.64 0.05
C GLU A 203 14.23 -9.56 -1.17
N VAL A 204 13.12 -9.49 -1.91
CA VAL A 204 12.85 -10.42 -3.02
C VAL A 204 13.63 -10.05 -4.28
N HIS A 205 13.99 -8.77 -4.39
CA HIS A 205 14.80 -8.25 -5.48
C HIS A 205 15.59 -7.10 -4.88
N PRO A 206 16.84 -6.88 -5.32
CA PRO A 206 17.63 -5.82 -4.70
C PRO A 206 16.83 -4.51 -4.55
N GLY A 207 16.68 -4.06 -3.31
CA GLY A 207 15.97 -2.82 -3.02
C GLY A 207 14.49 -2.95 -2.75
N PHE A 208 13.91 -4.12 -3.04
CA PHE A 208 12.46 -4.31 -2.93
C PHE A 208 12.10 -5.41 -1.94
N LEU A 209 11.17 -5.10 -1.05
CA LEU A 209 10.77 -6.03 0.00
C LEU A 209 9.36 -6.56 -0.21
N TYR A 210 9.15 -7.81 0.21
CA TYR A 210 7.81 -8.38 0.33
C TYR A 210 7.65 -8.89 1.75
N ALA A 211 6.59 -8.45 2.41
CA ALA A 211 6.30 -8.82 3.79
C ALA A 211 5.01 -9.60 3.94
N THR A 212 5.04 -10.60 4.82
CA THR A 212 3.85 -11.32 5.23
C THR A 212 3.71 -11.19 6.74
N CYS A 213 2.54 -10.72 7.18
CA CYS A 213 2.32 -10.36 8.58
C CYS A 213 1.03 -10.98 9.11
N ARG A 214 1.12 -11.54 10.32
CA ARG A 214 -0.01 -12.15 11.01
C ARG A 214 -0.20 -11.45 12.35
N PRO A 215 -1.43 -11.03 12.67
CA PRO A 215 -1.63 -10.35 13.96
C PRO A 215 -1.64 -11.30 15.15
N GLY A 216 -1.04 -10.86 16.25
CA GLY A 216 -1.09 -11.58 17.51
C GLY A 216 -2.41 -11.35 18.24
N PRO A 217 -2.53 -11.92 19.45
CA PRO A 217 -3.79 -11.83 20.20
C PRO A 217 -4.25 -10.40 20.48
N ARG A 218 -3.30 -9.48 20.61
CA ARG A 218 -3.62 -8.05 20.75
C ARG A 218 -2.54 -7.13 20.16
N SAH B . -0.17 0.91 -4.67
CA SAH B . -0.01 1.59 -5.96
CB SAH B . 0.06 3.11 -5.77
CG SAH B . 1.23 3.61 -4.91
SD SAH B . 1.51 5.35 -5.13
C SAH B . 1.20 1.06 -6.68
O SAH B . 1.29 1.31 -7.90
OXT SAH B . 2.06 0.41 -6.04
C5' SAH B . 0.76 6.06 -3.69
C4' SAH B . -0.77 5.93 -3.63
O4' SAH B . -1.19 6.38 -2.34
C3' SAH B . -1.46 6.85 -4.65
O3' SAH B . -2.43 6.10 -5.41
C2' SAH B . -2.12 7.91 -3.80
O2' SAH B . -3.34 8.42 -4.33
C1' SAH B . -2.37 7.19 -2.49
N9 SAH B . -2.46 8.09 -1.32
C8 SAH B . -1.64 9.09 -0.98
N7 SAH B . -2.07 9.64 0.18
C5 SAH B . -3.18 8.97 0.56
C6 SAH B . -4.04 9.08 1.64
N6 SAH B . -3.87 10.01 2.60
N1 SAH B . -5.08 8.22 1.72
C2 SAH B . -5.28 7.29 0.78
N3 SAH B . -4.47 7.16 -0.29
C4 SAH B . -3.42 8.00 -0.40
#